data_8X1X
#
_entry.id   8X1X
#
_cell.length_a   81.732
_cell.length_b   81.732
_cell.length_c   133.689
_cell.angle_alpha   90.000
_cell.angle_beta   90.000
_cell.angle_gamma   120.000
#
_symmetry.space_group_name_H-M   'P 32 2 1'
#
loop_
_entity.id
_entity.type
_entity.pdbx_description
1 polymer 'Papain-like protease nsp3'
2 non-polymer '(3beta,5beta,14beta,17alpha)-3-hydroxycholan-24-oic acid'
3 non-polymer GLYCEROL
4 non-polymer 'SODIUM ION'
5 water water
#
_entity_poly.entity_id   1
_entity_poly.type   'polypeptide(L)'
_entity_poly.pdbx_seq_one_letter_code
;MEVRTIKVFTTVDNINLHTQVVDMSMTYGQQFGPTYLDGADVTKIKPHNSHEGKTFYVLPNDDTLRVEAFEYYHTTDPSF
LGRYMSALNHTKKWKYPQVNGLTSIKWADNNSYLATALLTLQQIELKFNPPALQDAYYRARAGEAANFCALILAYCNKTV
GELGDVRETMSYLFQHANLDSCKRVLNVVCKTCGQQQTTLKGVEAVMYMGTLSYEQFKKGVQIPCTCGKQATKYLVQQES
PFVMMSAPPAQYELKHGTFTCASEYTGNYQCGHYKHITSKETLYCIDGALLTKSSEYKGPITDVFYKENSYTTTIK
;
_entity_poly.pdbx_strand_id   A
#
loop_
_chem_comp.id
_chem_comp.type
_chem_comp.name
_chem_comp.formula
4OA non-polymer '(3beta,5beta,14beta,17alpha)-3-hydroxycholan-24-oic acid' 'C24 H40 O3'
GOL non-polymer GLYCEROL 'C3 H8 O3'
NA non-polymer 'SODIUM ION' 'Na 1'
#
# COMPACT_ATOMS: atom_id res chain seq x y z
N MET A 1 -40.77 -20.80 17.23
CA MET A 1 -40.86 -22.28 17.34
C MET A 1 -41.15 -22.93 15.98
N GLU A 2 -41.84 -22.22 15.10
CA GLU A 2 -41.95 -22.74 13.75
C GLU A 2 -40.63 -22.51 13.02
N VAL A 3 -40.32 -23.40 12.08
CA VAL A 3 -39.09 -23.29 11.31
C VAL A 3 -39.32 -22.21 10.26
N ARG A 4 -38.40 -21.23 10.20
CA ARG A 4 -38.41 -20.11 9.27
C ARG A 4 -37.00 -19.79 8.77
N THR A 5 -36.71 -20.13 7.51
CA THR A 5 -35.38 -19.92 6.97
C THR A 5 -35.37 -18.72 6.03
N ILE A 6 -34.17 -18.17 5.75
CA ILE A 6 -33.97 -17.32 4.58
C ILE A 6 -32.98 -17.95 3.60
N LYS A 7 -32.80 -17.28 2.45
CA LYS A 7 -31.76 -17.67 1.50
C LYS A 7 -30.71 -16.57 1.49
N VAL A 8 -29.45 -16.95 1.74
CA VAL A 8 -28.38 -15.99 1.60
C VAL A 8 -27.30 -16.67 0.80
N PHE A 9 -26.22 -15.90 0.54
CA PHE A 9 -25.07 -16.29 -0.23
C PHE A 9 -23.80 -16.03 0.57
N THR A 10 -22.91 -17.03 0.59
CA THR A 10 -21.58 -16.83 1.12
C THR A 10 -20.59 -16.69 -0.03
N THR A 11 -19.33 -16.44 0.36
CA THR A 11 -18.33 -15.78 -0.47
C THR A 11 -17.06 -15.60 0.38
N VAL A 12 -15.92 -15.59 -0.31
CA VAL A 12 -14.72 -15.04 0.26
C VAL A 12 -14.10 -14.07 -0.75
N ASP A 13 -14.71 -13.93 -1.94
CA ASP A 13 -14.16 -13.04 -2.95
C ASP A 13 -15.11 -11.91 -3.29
N ASN A 14 -16.34 -11.97 -2.72
CA ASN A 14 -17.43 -11.15 -3.21
C ASN A 14 -17.74 -11.36 -4.69
N ILE A 15 -17.14 -12.37 -5.35
CA ILE A 15 -17.62 -12.58 -6.72
C ILE A 15 -18.34 -13.93 -6.81
N ASN A 16 -17.60 -15.05 -6.69
CA ASN A 16 -18.24 -16.35 -6.63
C ASN A 16 -19.12 -16.42 -5.39
N LEU A 17 -20.40 -16.72 -5.61
CA LEU A 17 -21.40 -16.65 -4.56
C LEU A 17 -21.75 -18.08 -4.18
N HIS A 18 -22.42 -18.26 -3.05
CA HIS A 18 -22.70 -19.63 -2.66
C HIS A 18 -24.04 -19.66 -1.91
N THR A 19 -24.99 -20.47 -2.42
CA THR A 19 -26.34 -20.52 -1.86
C THR A 19 -26.29 -21.28 -0.55
N GLN A 20 -26.69 -20.60 0.52
CA GLN A 20 -26.98 -21.30 1.76
C GLN A 20 -28.44 -21.04 2.13
N VAL A 21 -29.00 -21.96 2.93
CA VAL A 21 -30.32 -21.88 3.56
C VAL A 21 -30.06 -21.70 5.05
N VAL A 22 -30.42 -20.50 5.57
CA VAL A 22 -30.04 -20.11 6.92
C VAL A 22 -31.27 -19.99 7.84
N ASP A 23 -31.04 -20.33 9.13
CA ASP A 23 -32.14 -20.45 10.09
C ASP A 23 -32.11 -19.21 10.96
N MET A 24 -33.31 -18.80 11.36
CA MET A 24 -33.48 -17.49 11.97
C MET A 24 -33.58 -17.65 13.48
N SER A 25 -33.48 -18.90 13.95
CA SER A 25 -33.29 -19.29 15.35
C SER A 25 -31.80 -19.26 15.72
N MET A 26 -30.96 -19.47 14.70
CA MET A 26 -29.54 -19.70 14.92
C MET A 26 -28.75 -18.50 14.39
N THR A 27 -27.69 -18.13 15.15
CA THR A 27 -26.83 -17.02 14.78
C THR A 27 -26.18 -17.36 13.45
N TYR A 28 -25.65 -16.36 12.74
CA TYR A 28 -24.71 -16.61 11.67
C TYR A 28 -23.53 -17.43 12.20
N GLY A 29 -23.19 -17.17 13.47
CA GLY A 29 -22.14 -17.91 14.14
C GLY A 29 -22.28 -19.39 13.84
N GLN A 30 -23.43 -19.95 14.22
CA GLN A 30 -23.62 -21.37 14.47
C GLN A 30 -23.82 -22.13 13.17
N GLN A 31 -23.70 -21.37 12.07
CA GLN A 31 -23.96 -21.91 10.75
C GLN A 31 -22.64 -21.77 9.99
N PHE A 32 -22.16 -20.53 9.89
CA PHE A 32 -21.03 -20.28 9.00
C PHE A 32 -19.77 -19.86 9.75
N GLY A 33 -19.63 -20.20 11.04
CA GLY A 33 -18.48 -19.69 11.77
C GLY A 33 -18.49 -18.16 11.81
N PRO A 34 -17.34 -17.43 11.73
CA PRO A 34 -17.40 -15.97 11.62
C PRO A 34 -18.00 -15.59 10.28
N THR A 35 -18.93 -14.62 10.33
CA THR A 35 -19.55 -14.11 9.12
C THR A 35 -19.63 -12.60 9.21
N TYR A 36 -19.45 -11.95 8.05
CA TYR A 36 -19.42 -10.52 7.97
C TYR A 36 -20.42 -10.06 6.91
N LEU A 37 -21.05 -8.90 7.18
CA LEU A 37 -21.84 -8.13 6.23
C LEU A 37 -21.23 -6.72 6.14
N ASP A 38 -20.36 -6.56 5.13
CA ASP A 38 -19.81 -5.32 4.65
C ASP A 38 -18.81 -4.76 5.65
N GLY A 39 -18.24 -5.65 6.48
CA GLY A 39 -17.31 -5.17 7.49
C GLY A 39 -17.85 -5.45 8.87
N ALA A 40 -19.18 -5.50 8.93
CA ALA A 40 -19.82 -5.76 10.19
C ALA A 40 -19.80 -7.26 10.48
N ASP A 41 -19.46 -7.59 11.74
CA ASP A 41 -19.61 -8.96 12.20
CA ASP A 41 -19.60 -8.96 12.21
C ASP A 41 -21.08 -9.26 12.46
N VAL A 42 -21.60 -10.28 11.77
CA VAL A 42 -22.93 -10.83 12.05
C VAL A 42 -22.78 -12.13 12.85
N THR A 43 -21.53 -12.55 13.12
CA THR A 43 -21.25 -13.82 13.80
C THR A 43 -22.27 -14.09 14.91
N LYS A 44 -23.00 -13.05 15.33
CA LYS A 44 -23.89 -13.19 16.46
C LYS A 44 -25.29 -12.68 16.11
N ILE A 45 -25.38 -11.75 15.16
CA ILE A 45 -26.66 -11.16 14.82
C ILE A 45 -27.47 -12.18 14.02
N LYS A 46 -28.60 -12.66 14.58
CA LYS A 46 -29.45 -13.70 13.98
C LYS A 46 -30.01 -13.29 12.61
N PRO A 47 -30.32 -14.24 11.69
CA PRO A 47 -30.69 -13.88 10.32
C PRO A 47 -31.98 -13.08 10.18
N HIS A 48 -31.84 -11.81 9.77
CA HIS A 48 -32.89 -10.82 9.68
C HIS A 48 -33.77 -11.03 8.44
N ASN A 49 -34.99 -10.44 8.49
CA ASN A 49 -35.83 -10.23 7.33
C ASN A 49 -35.01 -9.68 6.17
N SER A 50 -34.19 -8.66 6.45
CA SER A 50 -33.65 -7.87 5.35
C SER A 50 -32.43 -8.52 4.68
N HIS A 51 -32.00 -9.68 5.18
CA HIS A 51 -30.77 -10.30 4.71
C HIS A 51 -30.99 -11.26 3.55
N GLU A 52 -32.23 -11.39 3.06
CA GLU A 52 -32.50 -12.39 2.03
C GLU A 52 -32.02 -11.91 0.66
N GLY A 53 -31.18 -12.73 0.01
CA GLY A 53 -30.58 -12.45 -1.29
C GLY A 53 -29.17 -11.85 -1.22
N LYS A 54 -28.74 -11.57 0.02
CA LYS A 54 -27.55 -10.77 0.28
CA LYS A 54 -27.54 -10.77 0.24
C LYS A 54 -26.36 -11.68 0.55
N THR A 55 -25.18 -11.12 0.29
CA THR A 55 -23.91 -11.84 0.26
C THR A 55 -23.17 -11.53 1.56
N PHE A 56 -22.72 -12.60 2.24
CA PHE A 56 -21.94 -12.55 3.48
C PHE A 56 -20.58 -13.15 3.18
N TYR A 57 -19.52 -12.45 3.63
CA TYR A 57 -18.16 -12.96 3.50
C TYR A 57 -17.95 -13.94 4.64
N VAL A 58 -17.35 -15.11 4.38
CA VAL A 58 -17.18 -16.05 5.47
C VAL A 58 -15.67 -16.27 5.63
N LEU A 59 -15.27 -17.33 6.36
CA LEU A 59 -13.85 -17.61 6.43
C LEU A 59 -13.56 -18.92 5.69
N PRO A 60 -12.42 -19.04 4.94
CA PRO A 60 -12.17 -20.19 4.07
C PRO A 60 -12.10 -21.47 4.86
N ASN A 61 -13.25 -22.12 4.98
CA ASN A 61 -13.47 -23.18 5.95
C ASN A 61 -13.52 -24.53 5.24
N ASP A 62 -13.70 -24.52 3.92
CA ASP A 62 -14.00 -25.80 3.31
C ASP A 62 -12.86 -26.28 2.41
N ASP A 63 -12.62 -25.60 1.30
CA ASP A 63 -11.54 -25.99 0.39
C ASP A 63 -11.77 -25.21 -0.90
N THR A 64 -13.00 -25.29 -1.42
CA THR A 64 -13.38 -24.47 -2.53
C THR A 64 -13.09 -23.05 -2.09
N LEU A 65 -13.49 -22.76 -0.84
CA LEU A 65 -13.38 -21.43 -0.29
C LEU A 65 -11.93 -21.08 0.01
N ARG A 66 -11.08 -22.10 0.26
CA ARG A 66 -9.63 -21.94 0.29
C ARG A 66 -9.12 -21.56 -1.09
N VAL A 67 -9.71 -22.15 -2.14
CA VAL A 67 -9.19 -22.02 -3.48
C VAL A 67 -9.50 -20.63 -4.04
N GLU A 68 -10.71 -20.15 -3.75
CA GLU A 68 -11.18 -18.83 -4.09
C GLU A 68 -10.33 -17.77 -3.40
N ALA A 69 -10.04 -17.94 -2.11
CA ALA A 69 -9.42 -16.84 -1.41
C ALA A 69 -7.99 -16.74 -1.91
N PHE A 70 -7.42 -17.94 -2.10
CA PHE A 70 -6.04 -17.96 -2.55
C PHE A 70 -5.91 -17.24 -3.90
N GLU A 71 -6.82 -17.60 -4.79
CA GLU A 71 -6.74 -17.14 -6.17
C GLU A 71 -7.06 -15.66 -6.23
N TYR A 72 -7.94 -15.20 -5.32
CA TYR A 72 -8.34 -13.82 -5.24
C TYR A 72 -7.19 -13.01 -4.62
N TYR A 73 -6.66 -13.45 -3.48
CA TYR A 73 -5.97 -12.52 -2.60
C TYR A 73 -4.47 -12.75 -2.57
N HIS A 74 -4.05 -13.93 -3.03
CA HIS A 74 -2.70 -14.47 -2.99
C HIS A 74 -2.19 -14.58 -1.59
N THR A 75 -3.04 -15.08 -0.65
CA THR A 75 -2.44 -15.26 0.65
C THR A 75 -3.27 -16.29 1.37
N THR A 76 -2.61 -17.01 2.27
CA THR A 76 -3.27 -18.05 3.03
C THR A 76 -3.28 -17.69 4.51
N ASP A 77 -2.97 -16.41 4.78
CA ASP A 77 -2.91 -15.96 6.16
C ASP A 77 -4.23 -16.29 6.81
N PRO A 78 -4.22 -17.11 7.90
CA PRO A 78 -5.45 -17.49 8.59
C PRO A 78 -6.39 -16.35 8.98
N SER A 79 -5.88 -15.12 9.17
CA SER A 79 -6.88 -14.14 9.60
C SER A 79 -7.11 -13.03 8.58
N PHE A 80 -6.56 -13.20 7.39
CA PHE A 80 -6.63 -12.13 6.39
C PHE A 80 -8.05 -11.57 6.24
N LEU A 81 -9.05 -12.44 6.18
CA LEU A 81 -10.35 -11.92 5.76
C LEU A 81 -10.90 -11.01 6.84
N GLY A 82 -11.00 -11.58 8.04
CA GLY A 82 -11.38 -10.85 9.24
C GLY A 82 -10.59 -9.54 9.32
N ARG A 83 -9.30 -9.59 9.00
CA ARG A 83 -8.53 -8.34 8.98
C ARG A 83 -9.14 -7.43 7.91
N TYR A 84 -9.47 -7.97 6.72
CA TYR A 84 -10.11 -7.15 5.69
C TYR A 84 -11.41 -6.51 6.21
N MET A 85 -12.23 -7.32 6.88
CA MET A 85 -13.59 -6.97 7.22
C MET A 85 -13.61 -5.92 8.32
N SER A 86 -12.88 -6.18 9.42
CA SER A 86 -12.73 -5.22 10.50
C SER A 86 -12.42 -3.86 9.90
N ALA A 87 -11.39 -3.83 9.07
CA ALA A 87 -10.93 -2.61 8.42
C ALA A 87 -11.90 -2.11 7.33
N LEU A 88 -12.49 -2.99 6.48
CA LEU A 88 -13.48 -2.48 5.56
C LEU A 88 -14.50 -1.66 6.35
N ASN A 89 -14.67 -2.03 7.61
CA ASN A 89 -15.85 -1.58 8.33
C ASN A 89 -15.56 -0.17 8.80
N HIS A 90 -14.27 0.15 8.91
CA HIS A 90 -13.95 1.53 9.17
C HIS A 90 -13.87 2.37 7.89
N THR A 91 -13.34 1.80 6.79
CA THR A 91 -12.80 2.57 5.68
C THR A 91 -13.93 2.94 4.74
N LYS A 92 -15.10 2.36 4.96
CA LYS A 92 -16.22 2.67 4.10
C LYS A 92 -16.89 3.96 4.57
N LYS A 93 -16.59 4.35 5.83
CA LYS A 93 -17.10 5.62 6.32
C LYS A 93 -16.00 6.66 6.31
N TRP A 94 -14.96 6.40 5.50
CA TRP A 94 -13.92 7.36 5.14
C TRP A 94 -14.36 8.07 3.85
N LYS A 95 -13.94 9.31 3.67
CA LYS A 95 -14.28 10.07 2.49
C LYS A 95 -13.02 10.17 1.68
N TYR A 96 -13.25 10.29 0.39
CA TYR A 96 -12.18 10.13 -0.57
C TYR A 96 -12.34 11.22 -1.61
N PRO A 97 -11.81 12.45 -1.35
CA PRO A 97 -12.07 13.59 -2.22
C PRO A 97 -11.20 13.45 -3.46
N GLN A 98 -11.67 14.03 -4.56
CA GLN A 98 -10.81 14.33 -5.68
C GLN A 98 -9.92 15.53 -5.29
N VAL A 99 -8.62 15.29 -5.19
CA VAL A 99 -7.76 16.44 -4.93
C VAL A 99 -6.73 16.53 -6.04
N ASN A 100 -6.75 17.68 -6.73
CA ASN A 100 -5.98 17.91 -7.95
C ASN A 100 -6.01 16.68 -8.88
N GLY A 101 -7.21 16.14 -9.13
CA GLY A 101 -7.31 15.06 -10.10
C GLY A 101 -6.86 13.68 -9.57
N LEU A 102 -6.31 13.60 -8.35
CA LEU A 102 -6.01 12.32 -7.70
C LEU A 102 -7.02 12.02 -6.58
N THR A 103 -7.32 10.73 -6.32
CA THR A 103 -8.01 10.31 -5.10
C THR A 103 -7.04 10.28 -3.87
N SER A 104 -7.36 11.05 -2.80
CA SER A 104 -6.76 11.13 -1.48
C SER A 104 -7.77 10.62 -0.44
N ILE A 105 -7.36 10.52 0.83
CA ILE A 105 -8.33 10.22 1.90
C ILE A 105 -8.33 11.39 2.88
N LYS A 106 -9.52 11.74 3.40
CA LYS A 106 -9.70 12.72 4.46
C LYS A 106 -9.19 12.15 5.78
N TRP A 107 -8.57 12.99 6.62
CA TRP A 107 -7.98 12.44 7.83
C TRP A 107 -9.01 11.70 8.70
N ALA A 108 -8.64 10.46 8.97
CA ALA A 108 -9.36 9.66 9.93
C ALA A 108 -8.37 8.61 10.41
N ASP A 109 -8.54 8.21 11.68
CA ASP A 109 -7.93 7.03 12.25
C ASP A 109 -6.44 6.92 11.93
N ASN A 110 -5.72 8.07 11.78
CA ASN A 110 -4.29 8.06 11.48
C ASN A 110 -4.00 7.42 10.11
N ASN A 111 -4.91 7.61 9.12
CA ASN A 111 -4.74 7.14 7.74
C ASN A 111 -3.75 8.00 6.92
N SER A 112 -2.99 8.90 7.58
CA SER A 112 -2.05 9.81 6.90
C SER A 112 -1.09 9.08 5.98
N TYR A 113 -0.53 7.97 6.48
CA TYR A 113 0.39 7.19 5.69
C TYR A 113 -0.30 6.45 4.54
N LEU A 114 -1.60 6.20 4.66
CA LEU A 114 -2.38 5.57 3.58
C LEU A 114 -2.70 6.56 2.48
N ALA A 115 -3.14 7.78 2.87
CA ALA A 115 -3.46 8.84 1.92
C ALA A 115 -2.28 9.05 0.99
N THR A 116 -1.07 8.95 1.55
CA THR A 116 0.17 9.29 0.89
C THR A 116 0.63 8.16 -0.05
N ALA A 117 0.71 6.93 0.45
CA ALA A 117 0.75 5.70 -0.36
C ALA A 117 -0.23 5.69 -1.55
N LEU A 118 -1.53 5.90 -1.29
CA LEU A 118 -2.56 5.99 -2.32
C LEU A 118 -2.17 6.98 -3.42
N LEU A 119 -1.69 8.16 -3.02
CA LEU A 119 -1.46 9.26 -3.94
C LEU A 119 -0.24 8.96 -4.81
N THR A 120 0.73 8.28 -4.19
CA THR A 120 1.92 7.74 -4.83
C THR A 120 1.56 6.62 -5.80
N LEU A 121 0.77 5.61 -5.38
CA LEU A 121 0.31 4.55 -6.27
C LEU A 121 -0.22 5.14 -7.59
N GLN A 122 -0.99 6.23 -7.49
CA GLN A 122 -1.57 6.87 -8.64
C GLN A 122 -0.60 7.78 -9.38
N GLN A 123 0.67 7.86 -9.00
CA GLN A 123 1.50 8.65 -9.90
C GLN A 123 2.64 7.84 -10.50
N ILE A 124 2.73 6.54 -10.11
CA ILE A 124 3.80 5.68 -10.56
C ILE A 124 3.20 4.52 -11.36
N GLU A 125 4.00 3.92 -12.23
CA GLU A 125 3.49 2.84 -13.05
C GLU A 125 3.77 1.50 -12.39
N LEU A 126 2.69 0.75 -12.13
CA LEU A 126 2.81 -0.50 -11.41
C LEU A 126 1.50 -1.27 -11.59
N LYS A 127 1.65 -2.61 -11.71
CA LYS A 127 0.55 -3.54 -11.90
CA LYS A 127 0.52 -3.51 -11.88
C LYS A 127 0.54 -4.56 -10.77
N PHE A 128 -0.52 -4.61 -9.97
CA PHE A 128 -0.70 -5.65 -8.96
C PHE A 128 -1.04 -6.97 -9.64
N ASN A 129 -0.62 -8.09 -9.05
CA ASN A 129 -1.03 -9.37 -9.64
C ASN A 129 -2.21 -10.00 -8.91
N PRO A 130 -2.39 -9.82 -7.58
CA PRO A 130 -3.62 -10.28 -6.92
C PRO A 130 -4.89 -9.68 -7.53
N PRO A 131 -5.80 -10.48 -8.12
CA PRO A 131 -6.96 -9.92 -8.79
C PRO A 131 -7.58 -8.94 -7.81
N ALA A 132 -7.58 -9.35 -6.53
CA ALA A 132 -8.24 -8.53 -5.53
C ALA A 132 -7.68 -7.11 -5.58
N LEU A 133 -6.37 -6.95 -5.79
CA LEU A 133 -5.81 -5.59 -5.74
C LEU A 133 -6.07 -4.86 -7.06
N GLN A 134 -6.20 -5.64 -8.14
CA GLN A 134 -6.47 -5.07 -9.45
C GLN A 134 -7.85 -4.45 -9.43
N ASP A 135 -8.79 -5.19 -8.81
CA ASP A 135 -10.15 -4.69 -8.79
C ASP A 135 -10.23 -3.45 -7.89
N ALA A 136 -9.74 -3.61 -6.65
CA ALA A 136 -9.91 -2.54 -5.69
C ALA A 136 -9.11 -1.28 -6.09
N TYR A 137 -7.92 -1.47 -6.66
CA TYR A 137 -7.16 -0.35 -7.21
C TYR A 137 -7.95 0.41 -8.28
N TYR A 138 -8.40 -0.30 -9.31
CA TYR A 138 -9.29 0.22 -10.33
C TYR A 138 -10.43 1.07 -9.70
N ARG A 139 -11.14 0.53 -8.71
CA ARG A 139 -12.20 1.28 -8.03
C ARG A 139 -11.63 2.50 -7.29
N ALA A 140 -10.42 2.34 -6.68
CA ALA A 140 -9.74 3.39 -5.91
C ALA A 140 -9.42 4.57 -6.82
N ARG A 141 -8.86 4.28 -7.98
CA ARG A 141 -8.57 5.32 -8.97
C ARG A 141 -9.84 6.04 -9.42
N ALA A 142 -11.01 5.52 -9.01
CA ALA A 142 -12.29 6.03 -9.48
C ALA A 142 -12.93 6.78 -8.33
N GLY A 143 -12.26 6.66 -7.18
CA GLY A 143 -12.55 7.46 -6.00
C GLY A 143 -13.33 6.65 -4.96
N GLU A 144 -13.74 5.42 -5.31
CA GLU A 144 -14.27 4.52 -4.29
C GLU A 144 -13.12 3.63 -3.78
N ALA A 145 -12.25 4.15 -2.89
CA ALA A 145 -11.03 3.43 -2.51
C ALA A 145 -11.23 2.68 -1.19
N ALA A 146 -12.49 2.50 -0.77
CA ALA A 146 -12.77 1.90 0.53
C ALA A 146 -12.19 0.48 0.63
N ASN A 147 -12.57 -0.35 -0.36
CA ASN A 147 -12.04 -1.70 -0.57
C ASN A 147 -10.52 -1.62 -0.59
N PHE A 148 -10.02 -0.73 -1.45
CA PHE A 148 -8.60 -0.70 -1.62
C PHE A 148 -7.89 -0.50 -0.29
N CYS A 149 -8.38 0.45 0.55
CA CYS A 149 -7.69 0.83 1.77
C CYS A 149 -7.74 -0.25 2.85
N ALA A 150 -8.87 -0.93 2.95
CA ALA A 150 -8.99 -2.06 3.87
C ALA A 150 -8.04 -3.21 3.54
N LEU A 151 -7.69 -3.40 2.26
CA LEU A 151 -6.82 -4.49 1.83
C LEU A 151 -5.37 -4.20 2.22
N ILE A 152 -4.91 -2.96 1.93
CA ILE A 152 -3.59 -2.52 2.30
C ILE A 152 -3.43 -2.82 3.79
N LEU A 153 -4.38 -2.30 4.59
CA LEU A 153 -4.43 -2.61 6.02
C LEU A 153 -4.37 -4.12 6.23
N ALA A 154 -5.25 -4.87 5.55
CA ALA A 154 -5.20 -6.33 5.58
C ALA A 154 -3.80 -6.83 5.19
N TYR A 155 -3.28 -6.49 4.01
CA TYR A 155 -2.00 -7.08 3.59
C TYR A 155 -0.77 -6.60 4.37
N CYS A 156 -0.82 -5.50 5.14
CA CYS A 156 0.38 -5.05 5.85
C CYS A 156 0.21 -5.39 7.32
N ASN A 157 -1.00 -5.81 7.68
CA ASN A 157 -1.28 -6.30 9.02
C ASN A 157 -1.39 -5.12 9.98
N LYS A 158 -1.73 -3.97 9.42
CA LYS A 158 -2.10 -2.84 10.25
C LYS A 158 -3.61 -2.84 10.38
N THR A 159 -4.07 -2.62 11.62
CA THR A 159 -5.46 -2.35 11.94
C THR A 159 -5.69 -0.84 11.95
N VAL A 160 -6.97 -0.45 11.76
CA VAL A 160 -7.45 0.89 11.70
C VAL A 160 -6.94 1.66 12.91
N GLY A 161 -6.37 2.84 12.68
CA GLY A 161 -5.93 3.74 13.74
C GLY A 161 -4.56 3.38 14.34
N GLU A 162 -3.84 2.42 13.73
CA GLU A 162 -2.57 1.86 14.18
C GLU A 162 -1.40 2.61 13.51
N LEU A 163 -0.26 2.76 14.23
CA LEU A 163 0.94 3.49 13.79
C LEU A 163 1.47 2.93 12.48
N GLY A 164 1.70 3.82 11.50
CA GLY A 164 1.91 3.42 10.10
C GLY A 164 3.06 4.15 9.39
N ASP A 165 3.84 3.34 8.66
CA ASP A 165 5.02 3.69 7.90
C ASP A 165 4.72 3.57 6.42
N VAL A 166 5.22 4.56 5.64
CA VAL A 166 4.95 4.56 4.19
C VAL A 166 5.94 3.62 3.49
N ARG A 167 7.20 3.71 3.88
CA ARG A 167 8.21 2.84 3.32
C ARG A 167 7.71 1.39 3.39
N GLU A 168 7.31 0.92 4.58
CA GLU A 168 6.97 -0.50 4.78
C GLU A 168 5.69 -0.91 4.05
N THR A 169 4.60 -0.16 4.30
CA THR A 169 3.42 -0.07 3.45
C THR A 169 3.75 -0.39 2.01
N MET A 170 4.69 0.38 1.39
CA MET A 170 4.92 0.22 -0.04
C MET A 170 5.78 -1.02 -0.29
N SER A 171 6.63 -1.39 0.67
CA SER A 171 7.27 -2.69 0.54
CA SER A 171 7.27 -2.70 0.56
C SER A 171 6.18 -3.73 0.30
N TYR A 172 5.19 -3.80 1.22
CA TYR A 172 4.10 -4.76 1.24
C TYR A 172 3.30 -4.70 -0.05
N LEU A 173 3.12 -3.48 -0.62
CA LEU A 173 2.41 -3.27 -1.88
C LEU A 173 3.30 -3.67 -3.08
N PHE A 174 4.62 -3.49 -2.94
CA PHE A 174 5.57 -3.92 -3.95
C PHE A 174 5.60 -5.45 -4.00
N GLN A 175 5.50 -6.12 -2.86
CA GLN A 175 5.58 -7.57 -2.82
C GLN A 175 4.54 -8.18 -3.75
N HIS A 176 3.35 -7.55 -3.78
CA HIS A 176 2.23 -8.12 -4.51
C HIS A 176 2.01 -7.41 -5.86
N ALA A 177 3.06 -6.77 -6.45
CA ALA A 177 2.97 -6.20 -7.80
C ALA A 177 3.96 -6.90 -8.73
N ASN A 178 3.88 -6.64 -10.04
CA ASN A 178 4.84 -7.31 -10.89
C ASN A 178 6.02 -6.40 -11.17
N LEU A 179 7.15 -6.69 -10.51
CA LEU A 179 8.29 -5.79 -10.53
C LEU A 179 9.53 -6.62 -10.93
N ASP A 180 9.26 -7.64 -11.73
CA ASP A 180 10.23 -8.61 -12.20
C ASP A 180 11.32 -7.91 -13.02
N SER A 181 10.91 -7.37 -14.18
CA SER A 181 11.79 -6.68 -15.10
C SER A 181 12.66 -5.67 -14.37
N CYS A 182 12.49 -5.55 -13.04
CA CYS A 182 13.20 -4.52 -12.29
C CYS A 182 14.60 -4.96 -11.87
N LYS A 183 15.59 -4.19 -12.33
CA LYS A 183 16.99 -4.54 -12.19
C LYS A 183 17.78 -3.32 -11.77
N ARG A 184 18.64 -3.51 -10.76
CA ARG A 184 19.55 -2.51 -10.27
C ARG A 184 20.94 -3.13 -10.08
N VAL A 185 21.98 -2.33 -10.42
CA VAL A 185 23.38 -2.74 -10.28
C VAL A 185 24.19 -1.71 -9.49
N LEU A 186 25.03 -2.20 -8.56
CA LEU A 186 25.73 -1.39 -7.58
C LEU A 186 27.21 -1.75 -7.42
N ASN A 187 28.07 -0.74 -7.18
CA ASN A 187 29.43 -1.09 -6.81
C ASN A 187 29.99 -0.16 -5.72
N VAL A 188 31.06 -0.64 -5.07
CA VAL A 188 31.63 -0.06 -3.86
C VAL A 188 32.98 0.59 -4.19
N VAL A 189 33.26 1.75 -3.58
CA VAL A 189 34.42 2.52 -3.98
C VAL A 189 35.16 3.08 -2.78
N CYS A 190 36.48 2.86 -2.80
CA CYS A 190 37.48 3.31 -1.84
C CYS A 190 37.33 2.60 -0.48
N THR A 192 40.57 2.06 -1.56
CA THR A 192 41.42 0.99 -0.97
C THR A 192 40.56 -0.27 -0.77
N CYS A 193 41.21 -1.36 -0.35
CA CYS A 193 40.54 -2.64 -0.15
C CYS A 193 39.65 -2.97 -1.36
N GLY A 194 40.18 -3.77 -2.29
CA GLY A 194 39.42 -4.45 -3.36
C GLY A 194 38.31 -3.60 -3.97
N GLN A 195 37.13 -4.24 -4.19
CA GLN A 195 35.91 -3.65 -4.73
C GLN A 195 34.92 -4.76 -5.10
N GLN A 196 33.72 -4.75 -4.49
CA GLN A 196 32.78 -5.86 -4.61
C GLN A 196 31.36 -5.38 -4.96
N GLN A 197 30.74 -6.08 -5.93
CA GLN A 197 29.52 -5.65 -6.61
C GLN A 197 28.33 -6.55 -6.25
N THR A 198 27.15 -5.90 -6.11
CA THR A 198 25.82 -6.49 -5.94
C THR A 198 25.02 -6.16 -7.19
N THR A 199 24.04 -7.00 -7.53
CA THR A 199 23.01 -6.44 -8.37
C THR A 199 21.62 -6.92 -7.96
N LEU A 200 20.80 -5.96 -7.52
CA LEU A 200 19.53 -6.21 -6.84
C LEU A 200 18.42 -6.36 -7.87
N LYS A 201 17.34 -7.05 -7.49
CA LYS A 201 16.25 -7.36 -8.39
C LYS A 201 14.89 -7.18 -7.70
N GLY A 202 13.87 -6.87 -8.48
CA GLY A 202 12.52 -6.92 -7.93
C GLY A 202 12.33 -5.70 -7.04
N VAL A 203 11.72 -5.93 -5.87
CA VAL A 203 11.52 -4.86 -4.91
C VAL A 203 12.89 -4.32 -4.52
N GLU A 204 13.86 -5.23 -4.28
CA GLU A 204 15.20 -4.87 -3.82
C GLU A 204 15.84 -3.89 -4.79
N ALA A 205 15.22 -3.72 -5.99
CA ALA A 205 15.86 -2.93 -7.04
C ALA A 205 15.16 -1.59 -7.30
N VAL A 206 14.07 -1.32 -6.57
CA VAL A 206 13.45 -0.01 -6.66
C VAL A 206 13.56 0.73 -5.34
N MET A 207 14.16 0.04 -4.34
CA MET A 207 14.11 0.57 -3.00
C MET A 207 15.54 0.77 -2.48
N TYR A 208 15.79 1.94 -1.92
CA TYR A 208 17.07 2.27 -1.31
C TYR A 208 16.83 3.01 0.00
N MET A 209 17.44 2.53 1.10
CA MET A 209 17.39 3.20 2.39
C MET A 209 18.71 3.96 2.67
N GLY A 210 18.60 5.26 2.95
CA GLY A 210 19.78 5.99 3.40
C GLY A 210 19.94 7.40 2.85
N THR A 211 19.48 7.66 1.61
CA THR A 211 19.57 8.94 0.94
CA THR A 211 19.56 8.97 0.98
C THR A 211 18.29 9.17 0.14
N LEU A 212 17.78 10.42 0.12
CA LEU A 212 16.59 10.74 -0.67
C LEU A 212 16.96 11.04 -2.11
N SER A 213 18.23 11.43 -2.33
CA SER A 213 18.63 11.97 -3.62
C SER A 213 19.13 10.87 -4.56
N TYR A 214 18.50 10.85 -5.73
CA TYR A 214 18.77 9.91 -6.79
C TYR A 214 20.13 10.22 -7.41
N GLU A 215 20.28 11.50 -7.82
CA GLU A 215 21.53 12.05 -8.30
CA GLU A 215 21.53 11.95 -8.34
C GLU A 215 22.66 11.67 -7.35
N GLN A 216 22.36 11.73 -6.04
CA GLN A 216 23.40 11.46 -5.07
C GLN A 216 23.71 9.96 -5.04
N PHE A 217 22.79 9.16 -5.56
CA PHE A 217 22.97 7.73 -5.64
C PHE A 217 23.97 7.42 -6.75
N LYS A 218 23.82 8.13 -7.88
CA LYS A 218 24.53 7.83 -9.11
C LYS A 218 25.82 8.65 -9.22
N LYS A 219 26.00 9.61 -8.30
CA LYS A 219 27.29 10.25 -8.12
C LYS A 219 28.10 9.50 -7.06
N GLY A 220 27.40 9.00 -6.03
CA GLY A 220 27.96 8.15 -4.98
C GLY A 220 27.60 8.68 -3.60
N VAL A 221 27.65 7.81 -2.59
CA VAL A 221 27.49 8.26 -1.21
C VAL A 221 28.56 7.61 -0.33
N GLN A 222 29.14 8.42 0.57
CA GLN A 222 29.91 7.89 1.68
C GLN A 222 28.93 7.07 2.52
N ILE A 223 29.25 5.79 2.72
CA ILE A 223 28.38 4.95 3.55
C ILE A 223 29.21 4.34 4.68
N PRO A 224 28.61 4.16 5.89
CA PRO A 224 29.12 3.26 6.93
C PRO A 224 29.80 1.96 6.46
N CYS A 225 31.12 2.07 6.34
CA CYS A 225 31.98 1.14 5.63
C CYS A 225 33.35 1.80 5.55
N THR A 226 33.86 2.21 6.73
CA THR A 226 35.16 2.83 6.91
C THR A 226 36.23 1.74 6.94
N CYS A 227 35.97 0.66 6.18
CA CYS A 227 36.80 -0.53 6.11
C CYS A 227 38.27 -0.14 6.11
N GLY A 228 38.50 1.18 5.95
CA GLY A 228 39.79 1.84 5.90
C GLY A 228 39.75 2.97 4.87
N LYS A 229 38.88 3.97 5.10
CA LYS A 229 38.80 5.16 4.26
C LYS A 229 37.35 5.64 4.08
N GLN A 230 36.40 4.75 4.43
CA GLN A 230 34.96 4.92 4.34
C GLN A 230 34.48 5.01 2.90
N ALA A 231 33.79 3.95 2.46
CA ALA A 231 33.53 3.77 1.05
C ALA A 231 32.32 4.58 0.58
N THR A 232 32.11 4.56 -0.74
CA THR A 232 31.05 5.28 -1.43
C THR A 232 30.27 4.32 -2.29
N LYS A 233 28.95 4.50 -2.33
CA LYS A 233 28.08 3.57 -3.01
C LYS A 233 27.49 4.26 -4.24
N TYR A 234 27.60 3.62 -5.40
CA TYR A 234 27.07 4.29 -6.57
C TYR A 234 26.29 3.27 -7.38
N LEU A 235 25.24 3.76 -8.05
CA LEU A 235 24.41 3.01 -8.96
C LEU A 235 25.16 2.87 -10.29
N VAL A 236 25.08 1.67 -10.88
CA VAL A 236 25.72 1.39 -12.15
C VAL A 236 24.65 1.23 -13.24
N GLN A 237 23.65 0.38 -12.99
CA GLN A 237 22.52 0.26 -13.91
C GLN A 237 21.20 0.36 -13.15
N GLN A 238 20.22 1.02 -13.79
CA GLN A 238 18.83 0.86 -13.43
C GLN A 238 17.98 0.43 -14.64
N GLU A 239 17.12 -0.58 -14.42
CA GLU A 239 16.03 -0.98 -15.30
C GLU A 239 14.77 -1.10 -14.45
N SER A 240 13.88 -0.11 -14.51
CA SER A 240 12.72 -0.05 -13.62
C SER A 240 11.89 1.15 -14.04
N PRO A 241 10.53 1.09 -13.98
CA PRO A 241 9.73 2.25 -14.41
C PRO A 241 9.73 3.46 -13.47
N PHE A 242 9.88 3.25 -12.15
CA PHE A 242 10.15 4.28 -11.16
C PHE A 242 11.33 3.85 -10.30
N VAL A 243 11.74 4.69 -9.33
CA VAL A 243 12.58 4.31 -8.19
C VAL A 243 12.05 5.03 -6.96
N MET A 244 12.36 4.50 -5.77
CA MET A 244 11.89 5.00 -4.46
C MET A 244 13.11 5.06 -3.54
N MET A 245 13.54 6.29 -3.24
CA MET A 245 14.61 6.60 -2.32
C MET A 245 13.98 6.97 -0.99
N SER A 246 14.68 6.63 0.09
CA SER A 246 14.11 6.55 1.42
C SER A 246 15.20 6.78 2.46
N ALA A 247 14.88 7.62 3.45
CA ALA A 247 15.81 7.89 4.54
C ALA A 247 15.07 8.17 5.85
N PRO A 248 15.82 8.19 6.97
CA PRO A 248 15.39 8.86 8.21
C PRO A 248 14.92 10.29 7.96
N PRO A 249 13.82 10.72 8.64
CA PRO A 249 13.21 12.01 8.35
C PRO A 249 14.25 13.08 8.59
N ALA A 250 14.59 13.79 7.52
CA ALA A 250 15.48 14.94 7.60
C ALA A 250 14.89 16.10 6.78
N GLN A 251 15.42 17.32 6.96
CA GLN A 251 14.97 18.51 6.24
C GLN A 251 15.54 18.49 4.83
N TYR A 252 14.66 18.67 3.85
CA TYR A 252 15.07 18.44 2.49
C TYR A 252 14.30 19.39 1.59
N GLU A 253 15.00 19.92 0.57
CA GLU A 253 14.40 20.86 -0.37
C GLU A 253 13.96 20.05 -1.59
N LEU A 254 12.70 20.23 -1.98
CA LEU A 254 12.12 19.60 -3.16
C LEU A 254 11.95 20.59 -4.30
N LYS A 255 12.58 20.23 -5.42
CA LYS A 255 12.74 21.08 -6.59
C LYS A 255 11.78 20.65 -7.69
N HIS A 256 10.79 21.51 -7.95
CA HIS A 256 9.88 21.36 -9.05
C HIS A 256 10.59 20.59 -10.15
N GLY A 257 9.82 19.71 -10.78
CA GLY A 257 10.13 19.20 -12.11
C GLY A 257 11.32 18.26 -12.10
N THR A 258 11.83 17.89 -10.92
CA THR A 258 12.99 17.00 -10.89
C THR A 258 12.61 15.66 -10.28
N PHE A 259 11.62 15.69 -9.38
CA PHE A 259 11.01 14.45 -8.92
C PHE A 259 9.54 14.41 -9.32
N THR A 260 8.90 13.29 -8.96
CA THR A 260 7.49 13.02 -9.24
C THR A 260 6.70 13.29 -7.99
N CYS A 261 6.99 12.58 -6.91
CA CYS A 261 6.24 12.83 -5.69
C CYS A 261 7.10 12.35 -4.53
N ALA A 262 6.76 12.81 -3.31
CA ALA A 262 7.56 12.62 -2.11
C ALA A 262 6.70 12.62 -0.85
N SER A 263 7.27 12.13 0.25
CA SER A 263 6.51 11.96 1.47
C SER A 263 7.23 12.74 2.56
N GLU A 264 6.48 13.54 3.31
CA GLU A 264 7.05 14.32 4.41
C GLU A 264 6.57 13.72 5.72
N TYR A 265 7.39 13.78 6.78
CA TYR A 265 6.86 13.40 8.08
C TYR A 265 7.28 14.31 9.24
N THR A 266 6.29 14.66 10.09
CA THR A 266 6.44 15.42 11.33
C THR A 266 5.95 14.60 12.52
N GLY A 267 6.64 14.76 13.66
CA GLY A 267 6.42 13.98 14.87
C GLY A 267 7.62 13.07 15.14
N ASN A 268 7.43 12.06 16.01
CA ASN A 268 8.47 11.16 16.50
C ASN A 268 8.19 9.76 15.95
N TYR A 269 8.65 8.69 16.64
CA TYR A 269 8.34 7.29 16.30
C TYR A 269 7.18 6.75 17.16
N GLN A 270 6.38 7.67 17.70
CA GLN A 270 5.38 7.41 18.72
C GLN A 270 4.21 8.36 18.52
N CYS A 271 3.85 8.54 17.24
CA CYS A 271 2.85 9.47 16.74
C CYS A 271 3.50 10.36 15.68
N GLY A 272 2.71 10.77 14.67
CA GLY A 272 3.16 11.76 13.71
C GLY A 272 2.27 11.82 12.46
N HIS A 273 2.68 12.64 11.49
CA HIS A 273 1.79 12.93 10.37
C HIS A 273 2.63 13.01 9.14
N TYR A 274 2.09 12.40 8.09
CA TYR A 274 2.58 12.47 6.73
C TYR A 274 1.78 13.51 5.98
N LYS A 275 2.50 14.25 5.12
CA LYS A 275 1.96 14.84 3.91
C LYS A 275 2.62 14.24 2.66
N HIS A 276 2.01 14.51 1.50
CA HIS A 276 2.46 14.08 0.19
C HIS A 276 2.74 15.30 -0.69
N ILE A 277 3.87 15.31 -1.40
CA ILE A 277 4.15 16.44 -2.28
C ILE A 277 4.37 15.90 -3.69
N THR A 278 3.59 16.40 -4.65
CA THR A 278 3.64 16.00 -6.04
C THR A 278 4.08 17.20 -6.88
N SER A 279 4.81 16.92 -7.97
CA SER A 279 5.42 17.96 -8.81
C SER A 279 4.69 18.07 -10.15
N LYS A 280 3.80 19.07 -10.31
CA LYS A 280 3.10 19.29 -11.58
C LYS A 280 3.59 20.60 -12.26
N GLU A 281 2.69 21.53 -12.54
CA GLU A 281 3.11 22.79 -13.14
C GLU A 281 3.70 23.65 -12.01
N THR A 282 3.41 23.20 -10.79
CA THR A 282 4.04 23.74 -9.60
C THR A 282 4.04 22.62 -8.57
N LEU A 283 4.50 22.94 -7.35
CA LEU A 283 4.51 21.93 -6.32
C LEU A 283 3.24 21.99 -5.45
N TYR A 284 2.60 20.81 -5.34
CA TYR A 284 1.30 20.59 -4.72
C TYR A 284 1.50 19.74 -3.47
N CYS A 285 0.96 20.21 -2.35
CA CYS A 285 1.12 19.55 -1.06
C CYS A 285 -0.25 19.07 -0.61
N ILE A 286 -0.46 17.76 -0.66
CA ILE A 286 -1.76 17.22 -0.33
C ILE A 286 -1.69 16.57 1.05
N ASP A 287 -2.65 16.97 1.89
CA ASP A 287 -2.79 16.55 3.28
C ASP A 287 -4.21 16.05 3.51
N GLY A 288 -4.49 14.79 3.16
CA GLY A 288 -5.86 14.32 3.30
C GLY A 288 -6.79 15.05 2.35
N ALA A 289 -7.83 15.68 2.89
CA ALA A 289 -8.65 16.51 2.01
C ALA A 289 -7.96 17.82 1.62
N LEU A 290 -6.80 18.18 2.22
CA LEU A 290 -6.23 19.55 2.18
C LEU A 290 -5.20 19.70 1.07
N LEU A 291 -5.16 20.88 0.41
CA LEU A 291 -4.28 21.09 -0.72
C LEU A 291 -3.65 22.48 -0.69
N THR A 292 -2.32 22.57 -0.52
CA THR A 292 -1.62 23.86 -0.65
C THR A 292 -0.63 23.84 -1.82
N LYS A 293 -0.02 24.99 -2.13
CA LYS A 293 1.00 25.03 -3.19
C LYS A 293 2.06 26.08 -2.89
N SER A 294 3.25 25.86 -3.47
CA SER A 294 4.26 26.89 -3.65
C SER A 294 5.21 26.52 -4.80
N SER A 295 6.19 27.39 -5.09
CA SER A 295 7.08 27.09 -6.21
C SER A 295 8.19 26.19 -5.72
N GLU A 296 8.60 26.44 -4.48
CA GLU A 296 9.64 25.70 -3.81
C GLU A 296 9.05 24.96 -2.62
N TYR A 297 9.80 23.95 -2.17
CA TYR A 297 9.47 23.31 -0.92
C TYR A 297 10.76 22.97 -0.17
N LYS A 298 10.71 23.17 1.15
CA LYS A 298 11.73 22.70 2.07
C LYS A 298 10.99 22.04 3.24
N GLY A 299 11.43 20.85 3.65
CA GLY A 299 10.74 20.23 4.77
C GLY A 299 11.25 18.84 5.14
N PRO A 300 10.66 18.20 6.18
CA PRO A 300 11.15 16.92 6.68
C PRO A 300 10.75 15.76 5.77
N ILE A 301 11.61 15.42 4.81
CA ILE A 301 11.28 14.42 3.81
C ILE A 301 11.86 13.06 4.19
N THR A 302 11.11 11.98 3.87
CA THR A 302 11.35 10.59 4.26
C THR A 302 11.46 9.67 3.07
N ASP A 303 10.71 9.95 2.02
CA ASP A 303 10.80 9.13 0.82
C ASP A 303 10.55 10.04 -0.36
N VAL A 304 11.26 9.80 -1.45
CA VAL A 304 11.02 10.50 -2.68
C VAL A 304 10.94 9.47 -3.80
N PHE A 305 10.07 9.73 -4.77
CA PHE A 305 9.90 8.91 -5.95
C PHE A 305 10.35 9.64 -7.20
N TYR A 306 11.05 8.91 -8.08
CA TYR A 306 11.50 9.48 -9.34
C TYR A 306 11.24 8.54 -10.51
N LYS A 307 10.92 9.17 -11.64
CA LYS A 307 10.56 8.59 -12.94
C LYS A 307 11.79 7.89 -13.51
N GLU A 308 11.62 6.64 -13.97
CA GLU A 308 12.76 5.88 -14.46
C GLU A 308 12.36 5.03 -15.67
N ASN A 309 13.38 4.59 -16.42
CA ASN A 309 13.20 3.69 -17.56
C ASN A 309 14.47 2.87 -17.71
N SER A 310 15.59 3.58 -17.99
CA SER A 310 16.92 3.03 -18.18
C SER A 310 18.03 4.08 -17.99
N TYR A 311 18.74 3.91 -16.86
CA TYR A 311 20.01 4.60 -16.65
C TYR A 311 21.15 3.58 -16.65
N THR A 312 22.17 3.86 -17.48
CA THR A 312 23.46 3.21 -17.34
C THR A 312 24.50 4.24 -16.94
N THR A 313 25.25 3.92 -15.87
CA THR A 313 26.37 4.69 -15.39
C THR A 313 27.42 4.90 -16.49
N THR A 314 28.32 5.84 -16.21
CA THR A 314 29.58 5.97 -16.93
C THR A 314 30.61 6.40 -15.89
N ILE A 315 30.13 6.71 -14.68
CA ILE A 315 30.98 7.25 -13.63
C ILE A 315 31.97 6.15 -13.28
N LYS A 316 33.18 6.29 -13.86
CA LYS A 316 34.19 5.26 -14.14
C LYS A 316 33.57 4.17 -15.04
C1 4OA B . 2.08 -18.19 -2.59
C10 4OA B . 2.61 -17.73 -3.96
C11 4OA B . 2.26 -15.20 -3.44
C12 4OA B . 3.09 -14.04 -4.03
C13 4OA B . 2.59 -13.60 -5.43
C14 4OA B . 1.74 -14.66 -6.15
C15 4OA B . 1.66 -14.14 -7.58
C16 4OA B . 1.67 -12.60 -7.44
C17 4OA B . 2.28 -12.21 -6.07
C18 4OA B . 1.42 -13.13 -4.57
C19 4OA B . 4.14 -17.57 -3.85
O1B 4OA B . 2.07 -21.81 -2.67
C2 4OA B . 2.63 -19.54 -2.12
C20 4OA B . 3.39 -11.16 -6.23
C21 4OA B . 3.01 -10.13 -7.27
C22 4OA B . 4.73 -11.82 -6.60
C23 4OA B . 5.69 -10.92 -7.39
C24 4OA B . 5.66 -11.11 -8.89
C3 4OA B . 2.62 -20.60 -3.20
C4 4OA B . 1.80 -20.15 -4.39
O4 4OA B . 5.04 -12.08 -9.36
O4A 4OA B . 6.26 -10.27 -9.58
C5 4OA B . 2.23 -18.82 -5.01
C6 4OA B . 1.17 -18.34 -6.00
C7 4OA B . 1.57 -17.09 -6.77
C8 4OA B . 2.24 -16.07 -5.87
C9 4OA B . 1.96 -16.38 -4.38
C1 4OA C . 11.07 13.40 23.71
C10 4OA C . 11.44 12.16 24.53
C11 4OA C . 9.40 10.79 23.70
C12 4OA C . 8.06 10.17 24.12
C13 4OA C . 8.22 9.07 25.17
C14 4OA C . 9.05 9.67 26.33
C15 4OA C . 8.96 8.63 27.44
C16 4OA C . 7.57 8.01 27.24
C17 4OA C . 6.95 8.67 25.98
C18 4OA C . 8.91 7.84 24.56
C19 4OA C . 12.43 11.31 23.70
O1B 4OA C . 9.95 15.72 26.45
C2 4OA C . 10.18 14.38 24.46
C20 4OA C . 5.81 7.82 25.39
C21 4OA C . 6.01 6.32 25.61
C22 4OA C . 5.55 8.13 23.91
C23 4OA C . 4.25 8.86 23.63
C24 4OA C . 4.40 10.30 23.17
C3 4OA C . 10.86 14.88 25.72
C4 4OA C . 11.30 13.71 26.58
O4 4OA C . 5.41 10.60 22.50
O4A 4OA C . 3.50 11.10 23.46
C5 4OA C . 12.11 12.65 25.84
C6 4OA C . 12.45 11.49 26.76
C7 4OA C . 11.18 10.74 27.15
C8 4OA C . 10.41 10.22 25.94
C9 4OA C . 10.17 11.35 24.90
C1 4OA D . 15.63 10.31 -13.53
C10 4OA D . 15.89 11.15 -14.80
C11 4OA D . 16.12 8.99 -16.20
C12 4OA D . 17.07 8.13 -17.04
C13 4OA D . 17.53 8.92 -18.28
C14 4OA D . 17.92 10.40 -18.07
C15 4OA D . 18.15 10.92 -19.48
C16 4OA D . 18.65 9.71 -20.30
C17 4OA D . 18.12 8.41 -19.64
C18 4OA D . 18.91 8.49 -17.77
C19 4OA D . 14.52 11.58 -15.36
O1B 4OA D . 16.37 12.08 -10.62
C2 4OA D . 15.03 11.09 -12.37
C20 4OA D . 17.25 7.56 -20.58
C21 4OA D . 18.05 6.84 -21.65
C22 4OA D . 16.14 8.43 -21.20
C23 4OA D . 14.97 7.64 -21.76
C24 4OA D . 13.91 8.50 -22.42
C3 4OA D . 15.91 12.26 -11.98
C4 4OA D . 17.10 12.36 -12.89
O4 4OA D . 14.28 9.33 -23.26
O4A 4OA D . 12.72 8.35 -22.08
C5 4OA D . 16.73 12.39 -14.38
C6 4OA D . 17.96 12.58 -15.25
C7 4OA D . 17.62 12.53 -16.73
C8 4OA D . 17.01 11.20 -17.13
C9 4OA D . 16.71 10.36 -15.85
C1 GOL E . -18.24 -26.98 -2.74
O1 GOL E . -17.75 -26.30 -3.90
C2 GOL E . -19.01 -26.04 -1.85
O2 GOL E . -19.53 -26.76 -0.74
C3 GOL E . -18.21 -24.84 -1.36
O3 GOL E . -18.96 -24.06 -0.42
C1 GOL F . 14.94 -14.10 -18.86
O1 GOL F . 13.93 -14.66 -18.03
C2 GOL F . 15.65 -15.15 -19.69
O2 GOL F . 14.72 -15.83 -20.53
C3 GOL F . 16.84 -14.63 -20.49
O3 GOL F . 17.74 -15.67 -20.86
C1 GOL G . 14.50 26.38 13.63
O1 GOL G . 15.62 26.65 14.47
C2 GOL G . 14.69 25.11 12.82
O2 GOL G . 15.92 24.46 13.15
C3 GOL G . 13.54 24.13 12.93
O3 GOL G . 13.54 23.46 14.19
NA NA H . 13.06 8.42 -17.15
#